data_1X79
#
_entry.id   1X79
#
_cell.length_a   155.222
_cell.length_b   155.222
_cell.length_c   53.052
_cell.angle_alpha   90.00
_cell.angle_beta   90.00
_cell.angle_gamma   120.00
#
_symmetry.space_group_name_H-M   'P 32 2 1'
#
loop_
_entity.id
_entity.type
_entity.pdbx_description
1 polymer 'ADP-ribosylation factor binding protein GGA1'
2 polymer 'Rab GTPase binding effector protein 1'
3 non-polymer 'SULFATE ION'
4 non-polymer 2,3-DIHYDROXY-1,4-DITHIOBUTANE
5 water water
#
loop_
_entity_poly.entity_id
_entity_poly.type
_entity_poly.pdbx_seq_one_letter_code
_entity_poly.pdbx_strand_id
1 'polypeptide(L)'
;GPLGSKISKRVNAIEEVNNNVKLLTEMVMSHSQGGAAAGSSEDLMKELYQRCERMRPTLFRLASDTEDNDEALAEILQAN
DNLTQVINLYKQLVRGEE
;
A
2 'polypeptide(L)'
;MAETRDQVKKLQLMLRQANDQLEKTMKDKQELEDFIKQSSEDSSHQISALVLRAQASEILLEELQQGLSQAKRDVQEQMA
VLMQSREQVSEELVRLQKDNDSLQGKHSLHVS
;
B,C
#
loop_
_chem_comp.id
_chem_comp.type
_chem_comp.name
_chem_comp.formula
DTT non-polymer 2,3-DIHYDROXY-1,4-DITHIOBUTANE 'C4 H10 O2 S2'
SO4 non-polymer 'SULFATE ION' 'O4 S -2'
#
# COMPACT_ATOMS: atom_id res chain seq x y z
N ILE A 7 -38.07 1.56 11.15
CA ILE A 7 -38.90 0.65 10.30
C ILE A 7 -38.89 1.03 8.80
N SER A 8 -38.48 2.25 8.49
CA SER A 8 -38.21 2.61 7.11
C SER A 8 -36.84 2.04 6.78
N LYS A 9 -35.91 2.13 7.74
CA LYS A 9 -34.60 1.51 7.59
C LYS A 9 -34.61 -0.01 7.89
N ARG A 10 -35.48 -0.43 8.80
CA ARG A 10 -35.68 -1.86 9.01
C ARG A 10 -36.05 -2.45 7.66
N VAL A 11 -36.95 -1.78 6.95
CA VAL A 11 -37.37 -2.28 5.67
C VAL A 11 -36.28 -2.25 4.60
N ASN A 12 -35.53 -1.15 4.49
CA ASN A 12 -34.50 -1.06 3.45
C ASN A 12 -33.45 -2.10 3.63
N ALA A 13 -33.12 -2.36 4.89
CA ALA A 13 -32.17 -3.40 5.22
C ALA A 13 -32.67 -4.73 4.65
N ILE A 14 -33.91 -5.07 4.98
CA ILE A 14 -34.48 -6.36 4.65
C ILE A 14 -34.66 -6.55 3.16
N GLU A 15 -35.14 -5.48 2.49
CA GLU A 15 -35.36 -5.49 1.05
C GLU A 15 -34.03 -5.74 0.42
N GLU A 16 -33.04 -4.94 0.80
CA GLU A 16 -31.71 -5.10 0.26
C GLU A 16 -31.24 -6.54 0.41
N VAL A 17 -31.35 -7.07 1.63
CA VAL A 17 -30.98 -8.45 1.88
C VAL A 17 -31.71 -9.42 0.95
N ASN A 18 -33.03 -9.37 0.96
CA ASN A 18 -33.77 -10.34 0.17
C ASN A 18 -33.44 -10.25 -1.33
N ASN A 19 -33.26 -9.03 -1.84
CA ASN A 19 -32.95 -8.84 -3.26
C ASN A 19 -31.62 -9.49 -3.58
N ASN A 20 -30.69 -9.42 -2.65
CA ASN A 20 -29.35 -9.83 -2.99
C ASN A 20 -29.09 -11.29 -2.72
N VAL A 21 -29.66 -11.82 -1.65
CA VAL A 21 -29.47 -13.24 -1.38
C VAL A 21 -29.83 -13.97 -2.66
N LYS A 22 -30.98 -13.61 -3.24
CA LYS A 22 -31.42 -14.07 -4.55
C LYS A 22 -30.31 -14.05 -5.61
N LEU A 23 -29.73 -12.87 -5.87
CA LEU A 23 -28.71 -12.78 -6.89
C LEU A 23 -27.45 -13.55 -6.57
N LEU A 24 -26.97 -13.46 -5.33
CA LEU A 24 -25.70 -14.08 -4.96
C LEU A 24 -25.87 -15.59 -4.96
N THR A 25 -27.07 -16.03 -4.64
CA THR A 25 -27.31 -17.45 -4.61
C THR A 25 -27.13 -18.01 -6.01
N GLU A 26 -27.72 -17.36 -7.01
CA GLU A 26 -27.50 -17.83 -8.37
C GLU A 26 -26.02 -17.74 -8.68
N MET A 27 -25.47 -16.53 -8.65
CA MET A 27 -24.03 -16.34 -8.85
C MET A 27 -23.17 -17.47 -8.37
N VAL A 28 -23.50 -18.03 -7.21
CA VAL A 28 -22.70 -19.12 -6.65
C VAL A 28 -22.89 -20.39 -7.46
N MET A 29 -24.15 -20.77 -7.67
CA MET A 29 -24.47 -21.96 -8.44
C MET A 29 -23.84 -21.87 -9.83
N SER A 30 -24.16 -20.79 -10.55
CA SER A 30 -23.63 -20.54 -11.89
C SER A 30 -22.12 -20.38 -11.84
N HIS A 31 -21.49 -21.11 -10.93
CA HIS A 31 -20.06 -21.03 -10.71
C HIS A 31 -19.63 -22.46 -10.39
N SER A 32 -20.18 -23.38 -11.18
CA SER A 32 -19.71 -24.77 -11.30
C SER A 32 -20.83 -25.67 -11.83
N SER A 40 -13.00 -14.31 -13.59
CA SER A 40 -13.92 -13.68 -14.55
C SER A 40 -15.21 -13.26 -13.87
N SER A 41 -16.10 -14.24 -13.69
CA SER A 41 -17.37 -14.05 -12.98
C SER A 41 -17.10 -14.00 -11.48
N GLU A 42 -16.14 -14.82 -11.04
CA GLU A 42 -15.72 -14.88 -9.65
C GLU A 42 -15.48 -13.50 -9.06
N ASP A 43 -15.27 -12.53 -9.94
CA ASP A 43 -14.90 -11.18 -9.52
C ASP A 43 -16.10 -10.40 -9.00
N LEU A 44 -17.12 -10.23 -9.84
CA LEU A 44 -18.35 -9.58 -9.39
C LEU A 44 -18.91 -10.29 -8.15
N MET A 45 -18.76 -11.60 -8.09
CA MET A 45 -19.31 -12.41 -7.01
C MET A 45 -18.65 -12.16 -5.65
N LYS A 46 -17.36 -12.49 -5.52
CA LYS A 46 -16.67 -12.35 -4.24
C LYS A 46 -16.98 -10.99 -3.63
N GLU A 47 -17.28 -10.05 -4.50
CA GLU A 47 -17.59 -8.69 -4.10
C GLU A 47 -18.95 -8.61 -3.39
N LEU A 48 -19.97 -9.21 -3.99
CA LEU A 48 -21.29 -9.21 -3.40
C LEU A 48 -21.26 -9.95 -2.07
N TYR A 49 -20.76 -11.17 -2.08
CA TYR A 49 -20.58 -11.88 -0.84
C TYR A 49 -20.03 -10.95 0.25
N GLN A 50 -19.04 -10.13 -0.10
CA GLN A 50 -18.40 -9.28 0.89
C GLN A 50 -19.37 -8.26 1.44
N ARG A 51 -20.12 -7.61 0.55
CA ARG A 51 -21.12 -6.68 1.02
C ARG A 51 -22.13 -7.38 1.94
N CYS A 52 -22.59 -8.56 1.53
CA CYS A 52 -23.52 -9.34 2.33
C CYS A 52 -22.99 -9.73 3.70
N GLU A 53 -21.69 -9.85 3.84
CA GLU A 53 -21.14 -10.09 5.15
C GLU A 53 -21.28 -8.90 6.08
N ARG A 54 -21.22 -7.69 5.53
CA ARG A 54 -21.18 -6.52 6.36
C ARG A 54 -22.60 -6.06 6.68
N MET A 55 -23.55 -6.73 6.04
CA MET A 55 -24.94 -6.56 6.40
C MET A 55 -25.34 -7.20 7.71
N ARG A 56 -24.60 -8.20 8.20
CA ARG A 56 -25.01 -8.84 9.44
C ARG A 56 -25.07 -7.87 10.64
N PRO A 57 -24.03 -7.04 10.80
CA PRO A 57 -24.09 -6.12 11.94
C PRO A 57 -25.41 -5.38 11.89
N THR A 58 -25.84 -5.07 10.67
CA THR A 58 -27.01 -4.23 10.46
C THR A 58 -28.23 -4.98 10.96
N LEU A 59 -28.37 -6.23 10.51
CA LEU A 59 -29.39 -7.13 11.04
C LEU A 59 -29.30 -7.33 12.54
N PHE A 60 -28.08 -7.47 13.09
CA PHE A 60 -27.94 -7.68 14.53
C PHE A 60 -28.54 -6.50 15.27
N ARG A 61 -28.14 -5.30 14.85
CA ARG A 61 -28.56 -4.11 15.54
C ARG A 61 -30.06 -3.99 15.45
N LEU A 62 -30.63 -4.19 14.26
CA LEU A 62 -32.09 -4.09 14.10
C LEU A 62 -32.77 -5.06 15.06
N ALA A 63 -32.40 -6.33 14.98
CA ALA A 63 -33.03 -7.33 15.80
C ALA A 63 -32.93 -6.96 17.27
N SER A 64 -31.82 -6.38 17.69
CA SER A 64 -31.70 -6.06 19.09
C SER A 64 -32.62 -4.91 19.48
N ASP A 65 -33.30 -4.32 18.49
CA ASP A 65 -34.04 -3.09 18.71
C ASP A 65 -35.55 -3.21 18.62
N THR A 66 -36.01 -4.41 18.28
CA THR A 66 -37.43 -4.69 18.13
C THR A 66 -38.09 -4.82 19.49
N GLU A 67 -38.50 -3.70 20.04
CA GLU A 67 -39.28 -3.73 21.27
C GLU A 67 -40.62 -4.39 21.00
N ASP A 68 -40.74 -5.62 21.49
CA ASP A 68 -41.91 -6.49 21.34
C ASP A 68 -42.71 -6.38 20.04
N ASN A 69 -42.13 -5.76 19.02
CA ASN A 69 -42.81 -5.72 17.75
C ASN A 69 -42.65 -7.10 17.11
N ASP A 70 -42.87 -8.12 17.92
CA ASP A 70 -43.01 -9.51 17.49
C ASP A 70 -42.84 -9.72 16.00
N GLU A 71 -43.67 -9.05 15.21
CA GLU A 71 -43.71 -9.33 13.78
C GLU A 71 -42.53 -8.72 13.05
N ALA A 72 -42.15 -7.51 13.42
CA ALA A 72 -41.02 -6.84 12.77
C ALA A 72 -39.76 -7.65 13.06
N LEU A 73 -39.56 -7.97 14.34
CA LEU A 73 -38.50 -8.87 14.74
C LEU A 73 -38.44 -10.10 13.85
N ALA A 74 -39.59 -10.75 13.64
CA ALA A 74 -39.63 -11.95 12.82
C ALA A 74 -39.12 -11.69 11.41
N GLU A 75 -39.48 -10.54 10.84
CA GLU A 75 -39.03 -10.23 9.49
C GLU A 75 -37.52 -10.16 9.45
N ILE A 76 -36.93 -9.57 10.49
CA ILE A 76 -35.49 -9.42 10.59
C ILE A 76 -34.86 -10.80 10.57
N LEU A 77 -35.25 -11.63 11.53
CA LEU A 77 -34.66 -12.95 11.71
C LEU A 77 -34.83 -13.80 10.44
N GLN A 78 -35.94 -13.62 9.73
CA GLN A 78 -36.15 -14.43 8.54
C GLN A 78 -35.05 -14.07 7.53
N ALA A 79 -34.81 -12.77 7.44
CA ALA A 79 -33.82 -12.24 6.54
C ALA A 79 -32.45 -12.77 6.97
N ASN A 80 -32.16 -12.71 8.27
CA ASN A 80 -30.89 -13.25 8.73
C ASN A 80 -30.74 -14.71 8.30
N ASP A 81 -31.83 -15.48 8.43
CA ASP A 81 -31.88 -16.85 7.93
C ASP A 81 -31.44 -16.92 6.49
N ASN A 82 -32.13 -16.20 5.61
CA ASN A 82 -31.83 -16.36 4.19
C ASN A 82 -30.40 -15.95 3.95
N LEU A 83 -29.96 -14.97 4.71
CA LEU A 83 -28.61 -14.47 4.54
C LEU A 83 -27.63 -15.56 4.96
N THR A 84 -27.84 -16.09 6.16
CA THR A 84 -26.93 -17.09 6.72
C THR A 84 -26.76 -18.18 5.67
N GLN A 85 -27.88 -18.60 5.12
CA GLN A 85 -27.91 -19.72 4.21
C GLN A 85 -27.09 -19.50 2.95
N VAL A 86 -27.11 -18.29 2.41
CA VAL A 86 -26.32 -18.04 1.20
C VAL A 86 -24.87 -17.84 1.56
N ILE A 87 -24.62 -17.36 2.78
CA ILE A 87 -23.27 -17.23 3.29
C ILE A 87 -22.64 -18.60 3.52
N ASN A 88 -23.44 -19.56 3.98
CA ASN A 88 -22.94 -20.91 4.23
C ASN A 88 -22.64 -21.62 2.93
N LEU A 89 -23.52 -21.41 1.96
CA LEU A 89 -23.34 -21.97 0.63
C LEU A 89 -22.00 -21.52 0.06
N TYR A 90 -21.84 -20.22 -0.11
CA TYR A 90 -20.63 -19.63 -0.66
C TYR A 90 -19.33 -20.14 -0.01
N LYS A 91 -19.29 -20.18 1.31
CA LYS A 91 -18.11 -20.69 1.99
C LYS A 91 -17.85 -22.15 1.65
N GLN A 92 -18.91 -22.94 1.45
CA GLN A 92 -18.73 -24.36 1.11
C GLN A 92 -18.33 -24.61 -0.35
N LEU A 93 -18.83 -23.80 -1.28
CA LEU A 93 -18.57 -24.02 -2.71
C LEU A 93 -17.47 -23.16 -3.30
N VAL A 94 -17.59 -21.84 -3.16
CA VAL A 94 -16.53 -20.93 -3.59
C VAL A 94 -15.33 -21.07 -2.68
N ARG A 95 -15.45 -21.92 -1.66
CA ARG A 95 -14.40 -22.09 -0.67
C ARG A 95 -13.66 -20.79 -0.42
N GLU B 3 -43.20 -20.44 18.73
CA GLU B 3 -43.06 -19.14 18.02
C GLU B 3 -41.94 -18.36 18.69
N THR B 4 -42.14 -18.03 19.97
CA THR B 4 -41.05 -17.54 20.81
C THR B 4 -39.88 -18.53 20.85
N ARG B 5 -40.19 -19.82 20.96
CA ARG B 5 -39.15 -20.84 20.94
C ARG B 5 -38.22 -20.60 19.75
N ASP B 6 -38.81 -20.26 18.61
CA ASP B 6 -38.02 -19.96 17.42
C ASP B 6 -37.46 -18.56 17.41
N GLN B 7 -38.17 -17.64 18.05
CA GLN B 7 -37.67 -16.31 18.33
C GLN B 7 -36.36 -16.43 19.09
N VAL B 8 -36.44 -17.03 20.27
CA VAL B 8 -35.28 -17.26 21.07
C VAL B 8 -34.16 -18.01 20.32
N LYS B 9 -34.49 -19.13 19.68
CA LYS B 9 -33.47 -19.88 18.98
C LYS B 9 -32.69 -19.02 17.99
N LYS B 10 -33.38 -18.18 17.25
CA LYS B 10 -32.73 -17.39 16.18
C LYS B 10 -31.89 -16.23 16.72
N LEU B 11 -32.39 -15.56 17.76
CA LEU B 11 -31.56 -14.68 18.52
C LEU B 11 -30.30 -15.41 19.04
N GLN B 12 -30.45 -16.59 19.62
CA GLN B 12 -29.28 -17.27 20.12
C GLN B 12 -28.29 -17.48 18.98
N LEU B 13 -28.82 -17.71 17.79
CA LEU B 13 -27.99 -18.03 16.66
C LEU B 13 -27.25 -16.76 16.25
N MET B 14 -27.96 -15.65 16.24
CA MET B 14 -27.30 -14.37 15.98
C MET B 14 -26.19 -14.15 16.96
N LEU B 15 -26.45 -14.39 18.24
CA LEU B 15 -25.43 -14.08 19.25
C LEU B 15 -24.16 -14.86 18.92
N ARG B 16 -24.27 -16.14 18.58
CA ARG B 16 -23.06 -16.89 18.23
C ARG B 16 -22.38 -16.29 16.98
N GLN B 17 -23.18 -15.91 16.00
CA GLN B 17 -22.68 -15.25 14.82
C GLN B 17 -21.97 -13.94 15.13
N ALA B 18 -22.53 -13.13 16.01
CA ALA B 18 -21.82 -11.93 16.36
C ALA B 18 -20.49 -12.27 17.04
N ASN B 19 -20.51 -13.23 17.97
CA ASN B 19 -19.29 -13.65 18.62
C ASN B 19 -18.24 -14.04 17.59
N ASP B 20 -18.62 -14.90 16.65
CA ASP B 20 -17.66 -15.37 15.68
C ASP B 20 -17.12 -14.24 14.83
N GLN B 21 -18.00 -13.31 14.46
CA GLN B 21 -17.55 -12.25 13.62
C GLN B 21 -16.69 -11.24 14.40
N LEU B 22 -17.05 -10.97 15.65
CA LEU B 22 -16.25 -10.06 16.46
C LEU B 22 -14.86 -10.67 16.56
N GLU B 23 -14.81 -12.00 16.66
CA GLU B 23 -13.53 -12.68 16.84
C GLU B 23 -12.65 -12.56 15.61
N LYS B 24 -13.21 -12.82 14.43
CA LYS B 24 -12.43 -12.69 13.23
C LYS B 24 -12.03 -11.24 13.07
N THR B 25 -12.97 -10.34 13.29
CA THR B 25 -12.62 -8.97 13.02
C THR B 25 -11.50 -8.53 13.94
N MET B 26 -11.48 -9.02 15.18
CA MET B 26 -10.42 -8.60 16.10
C MET B 26 -9.07 -9.19 15.69
N LYS B 27 -9.11 -10.44 15.23
CA LYS B 27 -7.94 -11.10 14.66
C LYS B 27 -7.41 -10.32 13.47
N ASP B 28 -8.27 -10.02 12.50
CA ASP B 28 -7.87 -9.21 11.36
C ASP B 28 -7.26 -7.86 11.78
N LYS B 29 -7.94 -7.14 12.66
CA LYS B 29 -7.41 -5.86 13.08
C LYS B 29 -5.99 -6.03 13.55
N GLN B 30 -5.70 -7.13 14.24
CA GLN B 30 -4.38 -7.32 14.82
C GLN B 30 -3.36 -7.58 13.72
N GLU B 31 -3.71 -8.48 12.82
CA GLU B 31 -2.84 -8.71 11.67
C GLU B 31 -2.48 -7.39 10.99
N LEU B 32 -3.45 -6.52 10.75
CA LEU B 32 -3.15 -5.25 10.12
C LEU B 32 -2.17 -4.45 10.96
N GLU B 33 -2.45 -4.33 12.25
CA GLU B 33 -1.52 -3.63 13.11
C GLU B 33 -0.13 -4.26 13.11
N ASP B 34 -0.08 -5.58 12.94
CA ASP B 34 1.19 -6.27 12.86
C ASP B 34 1.90 -5.91 11.56
N PHE B 35 1.20 -6.05 10.46
CA PHE B 35 1.82 -5.76 9.18
C PHE B 35 2.20 -4.31 9.04
N ILE B 36 1.45 -3.40 9.66
CA ILE B 36 1.90 -2.01 9.67
C ILE B 36 3.23 -1.90 10.43
N LYS B 37 3.26 -2.41 11.65
CA LYS B 37 4.46 -2.31 12.48
C LYS B 37 5.67 -2.92 11.76
N GLN B 38 5.52 -4.14 11.27
CA GLN B 38 6.61 -4.77 10.57
C GLN B 38 7.08 -3.86 9.47
N SER B 39 6.21 -3.63 8.50
CA SER B 39 6.61 -2.94 7.28
C SER B 39 7.15 -1.53 7.58
N SER B 40 6.58 -0.87 8.57
CA SER B 40 7.14 0.37 9.05
C SER B 40 8.61 0.21 9.44
N GLU B 41 8.90 -0.82 10.22
CA GLU B 41 10.26 -1.06 10.69
C GLU B 41 11.22 -1.39 9.56
N ASP B 42 10.78 -2.24 8.64
CA ASP B 42 11.57 -2.52 7.50
C ASP B 42 11.94 -1.21 6.83
N SER B 43 10.99 -0.55 6.20
CA SER B 43 11.32 0.56 5.33
C SER B 43 12.26 1.54 6.05
N SER B 44 12.05 1.72 7.35
CA SER B 44 12.98 2.53 8.14
C SER B 44 14.44 2.07 7.96
N HIS B 45 14.68 0.77 8.02
CA HIS B 45 16.01 0.23 7.86
C HIS B 45 16.54 0.42 6.46
N GLN B 46 15.82 -0.10 5.47
CA GLN B 46 16.06 0.24 4.08
C GLN B 46 16.45 1.69 3.88
N ILE B 47 15.64 2.60 4.36
CA ILE B 47 15.95 4.01 4.16
C ILE B 47 17.31 4.34 4.79
N SER B 48 17.56 3.84 6.00
CA SER B 48 18.85 4.10 6.63
C SER B 48 20.07 3.65 5.81
N ALA B 49 20.05 2.43 5.30
CA ALA B 49 21.06 2.01 4.36
C ALA B 49 21.11 3.01 3.21
N LEU B 50 20.01 3.13 2.47
CA LEU B 50 20.01 4.06 1.35
C LEU B 50 20.66 5.39 1.68
N VAL B 51 20.37 5.93 2.86
CA VAL B 51 20.97 7.18 3.28
C VAL B 51 22.48 7.06 3.51
N LEU B 52 22.95 6.02 4.15
CA LEU B 52 24.38 5.83 4.31
C LEU B 52 25.06 5.75 2.94
N ARG B 53 24.49 4.98 2.03
CA ARG B 53 25.08 4.89 0.71
C ARG B 53 25.06 6.26 0.07
N ALA B 54 23.91 6.91 0.09
CA ALA B 54 23.83 8.24 -0.49
C ALA B 54 24.94 9.18 0.04
N GLN B 55 25.28 9.07 1.31
CA GLN B 55 26.31 9.95 1.88
C GLN B 55 27.72 9.54 1.40
N ALA B 56 28.03 8.25 1.37
CA ALA B 56 29.27 7.82 0.77
C ALA B 56 29.37 8.42 -0.63
N SER B 57 28.23 8.53 -1.30
CA SER B 57 28.20 9.08 -2.64
C SER B 57 28.48 10.55 -2.70
N GLU B 58 27.94 11.31 -1.76
CA GLU B 58 28.22 12.73 -1.73
C GLU B 58 29.74 12.92 -1.57
N ILE B 59 30.32 12.18 -0.65
CA ILE B 59 31.75 12.28 -0.38
C ILE B 59 32.60 11.98 -1.60
N LEU B 60 32.34 10.85 -2.25
CA LEU B 60 33.00 10.52 -3.50
C LEU B 60 32.89 11.65 -4.52
N LEU B 61 31.68 12.16 -4.71
CA LEU B 61 31.51 13.26 -5.65
C LEU B 61 32.38 14.44 -5.24
N GLU B 62 32.50 14.71 -3.95
CA GLU B 62 33.30 15.86 -3.56
C GLU B 62 34.76 15.63 -3.84
N GLU B 63 35.19 14.39 -3.78
CA GLU B 63 36.57 14.11 -4.04
C GLU B 63 36.80 14.24 -5.51
N LEU B 64 35.78 14.02 -6.30
CA LEU B 64 35.98 14.16 -7.72
C LEU B 64 35.98 15.64 -8.08
N GLN B 65 35.28 16.46 -7.31
CA GLN B 65 35.31 17.87 -7.63
C GLN B 65 36.73 18.36 -7.38
N GLN B 66 37.38 17.85 -6.36
CA GLN B 66 38.72 18.29 -6.08
C GLN B 66 39.61 17.86 -7.21
N GLY B 67 39.50 16.60 -7.61
CA GLY B 67 40.21 16.10 -8.77
C GLY B 67 40.02 16.88 -10.06
N LEU B 68 38.77 17.13 -10.45
CA LEU B 68 38.52 17.85 -11.68
C LEU B 68 39.14 19.26 -11.59
N SER B 69 39.07 19.87 -10.41
CA SER B 69 39.67 21.17 -10.19
C SER B 69 41.14 21.21 -10.44
N GLN B 70 41.85 20.17 -9.99
CA GLN B 70 43.29 20.07 -10.20
C GLN B 70 43.50 19.82 -11.67
N ALA B 71 42.56 19.14 -12.32
CA ALA B 71 42.74 18.85 -13.73
C ALA B 71 42.63 20.14 -14.51
N LYS B 72 41.80 21.05 -14.05
CA LYS B 72 41.65 22.28 -14.79
C LYS B 72 42.89 23.15 -14.54
N ARG B 73 43.43 23.13 -13.32
CA ARG B 73 44.70 23.79 -13.04
C ARG B 73 45.80 23.25 -13.95
N ASP B 74 45.95 21.93 -14.01
CA ASP B 74 46.89 21.33 -14.96
C ASP B 74 46.83 22.01 -16.34
N VAL B 75 45.65 22.04 -16.95
CA VAL B 75 45.50 22.64 -18.25
C VAL B 75 45.89 24.11 -18.24
N GLN B 76 45.58 24.82 -17.17
CA GLN B 76 45.95 26.22 -17.09
C GLN B 76 47.46 26.47 -16.98
N GLU B 77 48.18 25.65 -16.22
CA GLU B 77 49.64 25.83 -16.14
C GLU B 77 50.21 25.57 -17.50
N GLN B 78 49.70 24.53 -18.14
CA GLN B 78 50.31 24.07 -19.37
C GLN B 78 50.14 25.24 -20.33
N MET B 79 48.97 25.85 -20.29
CA MET B 79 48.70 26.96 -21.16
C MET B 79 49.56 28.18 -20.85
N ALA B 80 49.72 28.49 -19.58
CA ALA B 80 50.49 29.65 -19.19
C ALA B 80 51.94 29.51 -19.67
N VAL B 81 52.47 28.30 -19.66
CA VAL B 81 53.80 28.06 -20.20
C VAL B 81 53.76 28.29 -21.69
N LEU B 82 52.93 27.55 -22.41
CA LEU B 82 52.78 27.70 -23.85
C LEU B 82 52.67 29.14 -24.31
N MET B 83 51.97 29.96 -23.57
CA MET B 83 51.74 31.30 -24.04
C MET B 83 52.97 32.12 -23.78
N GLN B 84 53.38 32.21 -22.52
CA GLN B 84 54.67 32.79 -22.18
C GLN B 84 55.71 32.36 -23.20
N SER B 85 55.79 31.07 -23.45
CA SER B 85 56.86 30.55 -24.29
C SER B 85 56.74 30.92 -25.76
N ARG B 86 55.59 31.42 -26.18
CA ARG B 86 55.43 31.89 -27.55
C ARG B 86 55.86 33.35 -27.71
N GLU B 87 55.54 34.15 -26.70
CA GLU B 87 55.85 35.57 -26.76
C GLU B 87 57.36 35.62 -26.81
N GLN B 88 57.96 34.66 -26.12
CA GLN B 88 59.37 34.71 -25.83
C GLN B 88 60.22 34.24 -27.01
N VAL B 89 59.63 33.50 -27.94
CA VAL B 89 60.34 33.17 -29.18
C VAL B 89 60.28 34.37 -30.12
N SER B 90 59.20 35.15 -29.99
CA SER B 90 59.08 36.44 -30.67
C SER B 90 60.13 37.43 -30.16
N GLU B 91 60.34 37.43 -28.85
CA GLU B 91 61.38 38.24 -28.23
C GLU B 91 62.77 37.57 -28.31
N GLU B 92 63.07 37.07 -29.50
CA GLU B 92 64.43 36.67 -29.88
C GLU B 92 64.61 36.97 -31.37
N THR C 4 -40.40 -17.44 27.48
CA THR C 4 -41.11 -16.19 27.87
C THR C 4 -40.68 -15.02 26.98
N ARG C 5 -40.84 -13.79 27.49
CA ARG C 5 -40.36 -12.59 26.81
C ARG C 5 -38.94 -12.27 27.24
N ASP C 6 -38.76 -12.08 28.55
CA ASP C 6 -37.44 -11.80 29.12
C ASP C 6 -36.35 -12.51 28.34
N GLN C 7 -36.56 -13.77 28.03
CA GLN C 7 -35.64 -14.48 27.19
C GLN C 7 -35.25 -13.63 26.01
N VAL C 8 -36.23 -13.32 25.18
CA VAL C 8 -36.03 -12.43 24.05
C VAL C 8 -35.46 -11.04 24.42
N LYS C 9 -36.06 -10.37 25.40
CA LYS C 9 -35.53 -9.07 25.79
C LYS C 9 -34.07 -9.24 26.23
N LYS C 10 -33.82 -10.29 26.99
CA LYS C 10 -32.53 -10.56 27.60
C LYS C 10 -31.43 -10.82 26.56
N LEU C 11 -31.75 -11.64 25.57
CA LEU C 11 -30.87 -11.85 24.43
C LEU C 11 -30.70 -10.57 23.60
N GLN C 12 -31.78 -9.83 23.41
CA GLN C 12 -31.64 -8.60 22.64
C GLN C 12 -30.60 -7.70 23.27
N LEU C 13 -30.61 -7.55 24.59
CA LEU C 13 -29.63 -6.69 25.25
C LEU C 13 -28.21 -7.22 25.14
N MET C 14 -28.08 -8.53 25.19
CA MET C 14 -26.78 -9.15 24.97
C MET C 14 -26.35 -8.88 23.53
N LEU C 15 -27.29 -9.00 22.58
CA LEU C 15 -26.95 -8.88 21.16
C LEU C 15 -26.52 -7.44 20.86
N ARG C 16 -27.15 -6.48 21.52
CA ARG C 16 -26.84 -5.09 21.29
C ARG C 16 -25.46 -4.81 21.84
N GLN C 17 -25.13 -5.37 23.01
CA GLN C 17 -23.77 -5.25 23.51
C GLN C 17 -22.79 -5.78 22.45
N ALA C 18 -23.06 -6.98 21.93
CA ALA C 18 -22.16 -7.59 20.96
C ALA C 18 -22.04 -6.66 19.79
N ASN C 19 -23.16 -6.20 19.26
CA ASN C 19 -23.16 -5.38 18.06
C ASN C 19 -22.39 -4.07 18.21
N ASP C 20 -22.55 -3.38 19.32
CA ASP C 20 -21.82 -2.14 19.52
C ASP C 20 -20.35 -2.43 19.40
N GLN C 21 -19.96 -3.61 19.88
CA GLN C 21 -18.56 -3.97 20.01
C GLN C 21 -18.07 -4.33 18.61
N LEU C 22 -18.82 -5.16 17.93
CA LEU C 22 -18.54 -5.48 16.56
C LEU C 22 -18.32 -4.22 15.73
N GLU C 23 -19.17 -3.22 15.90
CA GLU C 23 -19.15 -2.08 15.00
C GLU C 23 -17.92 -1.27 15.22
N LYS C 24 -17.60 -1.04 16.49
CA LYS C 24 -16.42 -0.31 16.83
C LYS C 24 -15.20 -1.00 16.23
N THR C 25 -15.14 -2.32 16.35
CA THR C 25 -14.00 -3.05 15.86
C THR C 25 -13.94 -3.08 14.35
N MET C 26 -15.08 -3.07 13.67
CA MET C 26 -15.04 -3.03 12.23
C MET C 26 -14.61 -1.64 11.73
N LYS C 27 -15.01 -0.59 12.44
CA LYS C 27 -14.61 0.74 12.07
C LYS C 27 -13.09 0.80 12.18
N ASP C 28 -12.55 0.33 13.30
CA ASP C 28 -11.11 0.31 13.52
C ASP C 28 -10.33 -0.44 12.44
N LYS C 29 -10.82 -1.59 12.03
CA LYS C 29 -10.15 -2.30 10.96
C LYS C 29 -10.20 -1.51 9.67
N GLN C 30 -11.35 -0.93 9.34
CA GLN C 30 -11.50 -0.12 8.14
C GLN C 30 -10.50 1.05 8.12
N GLU C 31 -10.33 1.69 9.28
CA GLU C 31 -9.37 2.77 9.40
C GLU C 31 -7.92 2.34 9.09
N LEU C 32 -7.49 1.24 9.67
CA LEU C 32 -6.17 0.71 9.40
C LEU C 32 -6.07 0.39 7.92
N GLU C 33 -7.12 -0.17 7.34
CA GLU C 33 -6.99 -0.60 5.96
C GLU C 33 -6.80 0.62 5.08
N ASP C 34 -7.45 1.72 5.46
CA ASP C 34 -7.38 2.94 4.68
C ASP C 34 -5.98 3.47 4.81
N PHE C 35 -5.52 3.53 6.04
CA PHE C 35 -4.18 3.99 6.31
C PHE C 35 -3.18 3.24 5.44
N ILE C 36 -3.21 1.92 5.52
CA ILE C 36 -2.32 1.13 4.71
C ILE C 36 -2.38 1.57 3.27
N LYS C 37 -3.55 2.00 2.81
CA LYS C 37 -3.72 2.32 1.39
C LYS C 37 -3.15 3.69 1.07
N GLN C 38 -3.47 4.66 1.91
CA GLN C 38 -2.98 6.01 1.71
C GLN C 38 -1.49 5.99 1.73
N SER C 39 -0.92 5.36 2.74
CA SER C 39 0.49 5.51 2.97
C SER C 39 1.14 4.73 1.85
N SER C 40 0.58 3.59 1.51
CA SER C 40 1.13 2.82 0.42
C SER C 40 1.15 3.57 -0.91
N GLU C 41 0.14 4.39 -1.17
CA GLU C 41 0.11 5.10 -2.44
C GLU C 41 1.10 6.24 -2.39
N ASP C 42 1.18 6.91 -1.25
CA ASP C 42 2.15 7.95 -1.08
C ASP C 42 3.55 7.45 -1.36
N SER C 43 3.83 6.20 -0.98
CA SER C 43 5.14 5.64 -1.16
C SER C 43 5.45 5.48 -2.63
N SER C 44 4.53 4.92 -3.40
CA SER C 44 4.69 4.92 -4.84
C SER C 44 5.10 6.29 -5.39
N HIS C 45 4.27 7.31 -5.21
CA HIS C 45 4.65 8.61 -5.69
C HIS C 45 6.12 8.85 -5.32
N GLN C 46 6.46 8.67 -4.07
CA GLN C 46 7.79 8.99 -3.60
C GLN C 46 8.85 8.13 -4.29
N ILE C 47 8.70 6.81 -4.24
CA ILE C 47 9.60 5.92 -4.95
C ILE C 47 9.77 6.41 -6.41
N SER C 48 8.68 6.46 -7.15
CA SER C 48 8.76 6.85 -8.53
C SER C 48 9.57 8.10 -8.77
N ALA C 49 9.44 9.12 -7.93
CA ALA C 49 10.25 10.31 -8.13
C ALA C 49 11.70 9.97 -7.91
N LEU C 50 12.04 9.36 -6.77
CA LEU C 50 13.41 8.89 -6.59
C LEU C 50 13.98 8.03 -7.76
N VAL C 51 13.18 7.12 -8.29
CA VAL C 51 13.63 6.33 -9.43
C VAL C 51 13.92 7.22 -10.65
N LEU C 52 13.06 8.20 -10.90
CA LEU C 52 13.25 9.10 -12.04
C LEU C 52 14.59 9.81 -11.85
N ARG C 53 14.78 10.43 -10.69
CA ARG C 53 16.04 11.08 -10.42
C ARG C 53 17.22 10.13 -10.57
N ALA C 54 17.07 8.87 -10.16
CA ALA C 54 18.18 7.95 -10.32
C ALA C 54 18.49 7.80 -11.79
N GLN C 55 17.45 7.65 -12.61
CA GLN C 55 17.65 7.40 -14.02
C GLN C 55 18.26 8.64 -14.69
N ALA C 56 17.86 9.86 -14.29
CA ALA C 56 18.47 11.03 -14.89
C ALA C 56 19.90 11.14 -14.43
N SER C 57 20.15 10.84 -13.16
CA SER C 57 21.50 10.78 -12.67
C SER C 57 22.40 9.89 -13.50
N GLU C 58 21.91 8.69 -13.82
CA GLU C 58 22.75 7.73 -14.50
C GLU C 58 23.15 8.33 -15.82
N ILE C 59 22.18 8.84 -16.55
CA ILE C 59 22.46 9.49 -17.81
C ILE C 59 23.46 10.64 -17.74
N LEU C 60 23.45 11.41 -16.64
CA LEU C 60 24.42 12.51 -16.48
C LEU C 60 25.79 11.93 -16.31
N LEU C 61 25.89 10.88 -15.51
CA LEU C 61 27.19 10.33 -15.21
C LEU C 61 27.79 9.72 -16.49
N GLU C 62 26.96 9.12 -17.33
CA GLU C 62 27.46 8.61 -18.59
C GLU C 62 28.03 9.79 -19.39
N GLU C 63 27.39 10.95 -19.37
CA GLU C 63 27.89 12.05 -20.17
C GLU C 63 29.21 12.53 -19.63
N LEU C 64 29.32 12.65 -18.32
CA LEU C 64 30.56 13.06 -17.72
C LEU C 64 31.65 12.06 -18.09
N GLN C 65 31.32 10.78 -18.09
CA GLN C 65 32.29 9.81 -18.55
C GLN C 65 32.78 10.09 -19.98
N GLN C 66 31.87 10.47 -20.85
CA GLN C 66 32.24 10.71 -22.21
C GLN C 66 33.17 11.89 -22.27
N GLY C 67 32.86 12.90 -21.45
CA GLY C 67 33.64 14.11 -21.39
C GLY C 67 35.05 13.85 -20.93
N LEU C 68 35.19 13.04 -19.90
CA LEU C 68 36.49 12.72 -19.35
C LEU C 68 37.31 12.01 -20.38
N SER C 69 36.68 11.12 -21.14
CA SER C 69 37.33 10.43 -22.25
C SER C 69 37.82 11.40 -23.29
N GLN C 70 36.99 12.37 -23.65
CA GLN C 70 37.48 13.33 -24.61
C GLN C 70 38.69 14.08 -24.02
N ALA C 71 38.66 14.41 -22.74
CA ALA C 71 39.80 15.10 -22.12
C ALA C 71 41.06 14.24 -22.06
N LYS C 72 40.92 12.95 -21.77
CA LYS C 72 42.10 12.10 -21.74
C LYS C 72 42.73 12.01 -23.15
N ARG C 73 41.89 11.86 -24.16
CA ARG C 73 42.40 11.89 -25.51
C ARG C 73 43.10 13.19 -25.79
N ASP C 74 42.46 14.31 -25.46
CA ASP C 74 43.11 15.61 -25.63
C ASP C 74 44.51 15.65 -25.07
N VAL C 75 44.68 15.23 -23.83
CA VAL C 75 45.99 15.22 -23.20
C VAL C 75 46.95 14.32 -23.97
N GLN C 76 46.49 13.16 -24.42
CA GLN C 76 47.39 12.29 -25.17
C GLN C 76 47.83 12.95 -26.48
N GLU C 77 46.88 13.59 -27.15
CA GLU C 77 47.18 14.36 -28.33
C GLU C 77 48.26 15.41 -28.04
N GLN C 78 48.08 16.19 -26.98
CA GLN C 78 49.02 17.24 -26.67
C GLN C 78 50.38 16.62 -26.39
N MET C 79 50.37 15.57 -25.58
CA MET C 79 51.62 14.92 -25.27
C MET C 79 52.31 14.55 -26.59
N ALA C 80 51.61 13.84 -27.44
CA ALA C 80 52.25 13.32 -28.62
C ALA C 80 52.95 14.41 -29.44
N VAL C 81 52.41 15.62 -29.53
CA VAL C 81 53.16 16.56 -30.34
C VAL C 81 54.35 17.07 -29.58
N LEU C 82 54.17 17.46 -28.32
CA LEU C 82 55.30 17.66 -27.42
C LEU C 82 56.47 16.71 -27.67
N MET C 83 56.29 15.41 -27.49
CA MET C 83 57.34 14.43 -27.76
C MET C 83 57.98 14.60 -29.14
N GLN C 84 57.15 14.80 -30.16
CA GLN C 84 57.66 15.05 -31.49
C GLN C 84 58.62 16.21 -31.47
N SER C 85 58.12 17.40 -31.16
CA SER C 85 58.96 18.57 -31.12
C SER C 85 59.95 18.55 -29.96
N ARG C 86 60.03 17.41 -29.28
CA ARG C 86 61.17 17.16 -28.43
C ARG C 86 62.17 16.31 -29.23
N GLU C 87 61.89 16.12 -30.51
CA GLU C 87 62.84 15.52 -31.42
C GLU C 87 63.46 16.56 -32.33
N GLN C 88 62.65 17.43 -32.92
CA GLN C 88 63.19 18.50 -33.76
C GLN C 88 64.28 19.23 -32.97
N VAL C 89 64.23 19.11 -31.65
CA VAL C 89 65.25 19.70 -30.78
C VAL C 89 66.36 18.71 -30.42
N SER C 90 66.02 17.68 -29.65
CA SER C 90 66.98 16.64 -29.29
C SER C 90 67.46 15.92 -30.55
N GLU C 91 67.16 16.51 -31.71
CA GLU C 91 67.78 16.12 -32.98
C GLU C 91 69.26 16.43 -32.91
S SO4 D . 29.39 22.98 -6.16
O1 SO4 D . 29.13 24.13 -7.04
O2 SO4 D . 30.83 22.96 -5.80
O3 SO4 D . 28.60 23.11 -4.93
O4 SO4 D . 29.01 21.73 -6.84
S1 DTT E . 57.25 23.25 -30.66
C1 DTT E . 55.59 23.29 -29.97
C2 DTT E . 55.80 22.80 -28.57
O2 DTT E . 56.26 21.81 -28.61
C3 DTT E . 56.37 23.79 -27.70
O3 DTT E . 57.69 23.44 -27.66
C4 DTT E . 55.93 23.81 -26.38
S4 DTT E . 56.76 25.30 -26.12
S SO4 F . 31.78 1.99 -17.13
O1 SO4 F . 30.96 0.93 -17.76
O2 SO4 F . 33.19 1.56 -17.12
O3 SO4 F . 31.67 3.25 -17.88
O4 SO4 F . 31.32 2.18 -15.75
S1 DTT G . 4.17 1.96 7.39
C1 DTT G . 3.07 2.23 6.02
C2 DTT G . 2.22 1.07 6.27
O2 DTT G . 1.34 1.49 6.74
C3 DTT G . 2.01 0.23 5.11
O3 DTT G . 1.40 -0.83 5.64
C4 DTT G . 3.13 -0.33 4.42
S4 DTT G . 2.41 0.03 2.87
#